data_4CN3
#
_entry.id   4CN3
#
_cell.length_a   52.910
_cell.length_b   69.280
_cell.length_c   138.860
_cell.angle_alpha   90.00
_cell.angle_beta   90.00
_cell.angle_gamma   90.00
#
_symmetry.space_group_name_H-M   'P 21 21 21'
#
loop_
_entity.id
_entity.type
_entity.pdbx_description
1 polymer 'RETINOIC ACID RECEPTOR RXR-ALPHA'
2 polymer 'RETINOIC ACID RECEPTOR RXR-ALPHA'
3 polymer "5'-D(*CP*TP*AP*GP*TP*TP*CP*AP*AP*AP*GP*TP*TP*CP *AP*CP*A)-3'"
4 polymer "5'-D(*TP*GP*TP*GP*AP*AP*CP*TP*TP*TP*GP*AP*AP*CP *TP*AP*G)-3'"
5 non-polymer 'ZINC ION'
6 water water
#
loop_
_entity_poly.entity_id
_entity_poly.type
_entity_poly.pdbx_seq_one_letter_code
_entity_poly.pdbx_strand_id
1 'polypeptide(L)'
;GSHMFTKHICAICGDRSSGKHYGVYSCEGCKGFFKRTVRKDLTYTCRDNKDCLIDKRQRNRCQYCRYQKCLAMGMKREAV
QEERQRG
;
A,B,C
2 'polypeptide(L)'
;GSHMFTKHICAICGDRSSGKHYGVYSCEGCKGFFKRTVRKDLTYTCRDDKDCLIDKRQRNRCQYCRYQKCLAMGMKREAV
QEERQRG
;
D
3 'polydeoxyribonucleotide' (DC)(DT)(DA)(DG)(DT)(DT)(DC)(DA)(DA)(DA)(DG)(DT)(DT)(DC)(DA)(DC)(DA) E,G
4 'polydeoxyribonucleotide' (DT)(DG)(DT)(DG)(DA)(DA)(DC)(DT)(DT)(DT)(DG)(DA)(DA)(DC)(DT)(DA)(DG) F,H
#
# COMPACT_ATOMS: atom_id res chain seq x y z
N THR A 6 10.71 -18.74 12.81
CA THR A 6 9.83 -19.01 11.69
C THR A 6 10.07 -18.03 10.54
N LYS A 7 9.72 -18.45 9.30
CA LYS A 7 9.77 -17.66 8.07
C LYS A 7 8.65 -16.63 8.15
N HIS A 8 8.96 -15.39 7.78
CA HIS A 8 7.96 -14.35 7.70
C HIS A 8 7.99 -13.73 6.32
N ILE A 9 6.85 -13.26 5.86
CA ILE A 9 6.80 -12.57 4.58
C ILE A 9 6.52 -11.08 4.82
N CYS A 10 6.88 -10.28 3.84
CA CYS A 10 6.67 -8.84 3.80
C CYS A 10 5.16 -8.57 3.72
N ALA A 11 4.65 -7.75 4.66
CA ALA A 11 3.23 -7.34 4.72
C ALA A 11 2.85 -6.50 3.50
N ILE A 12 3.84 -5.96 2.78
CA ILE A 12 3.59 -5.11 1.62
C ILE A 12 3.55 -5.84 0.31
N CYS A 13 4.63 -6.50 -0.05
CA CYS A 13 4.72 -7.13 -1.34
C CYS A 13 4.72 -8.66 -1.32
N GLY A 14 4.70 -9.26 -0.14
CA GLY A 14 4.74 -10.72 -0.03
C GLY A 14 6.09 -11.38 -0.23
N ASP A 15 7.17 -10.60 -0.35
CA ASP A 15 8.53 -11.16 -0.51
C ASP A 15 9.01 -11.60 0.87
N ARG A 16 10.01 -12.50 0.95
CA ARG A 16 10.60 -12.98 2.23
CA ARG A 16 10.54 -12.94 2.26
C ARG A 16 10.99 -11.77 3.09
N SER A 17 10.53 -11.74 4.35
CA SER A 17 10.85 -10.66 5.29
C SER A 17 12.20 -10.93 5.98
N SER A 18 12.92 -9.84 6.32
CA SER A 18 14.21 -9.83 7.02
C SER A 18 14.00 -9.35 8.45
N GLY A 19 12.75 -9.47 8.91
CA GLY A 19 12.35 -9.00 10.23
C GLY A 19 11.53 -7.74 10.15
N LYS A 20 11.13 -7.22 11.32
CA LYS A 20 10.32 -6.00 11.36
C LYS A 20 11.14 -4.77 11.07
N HIS A 21 10.60 -3.91 10.24
CA HIS A 21 11.21 -2.64 9.89
C HIS A 21 10.15 -1.58 10.01
N TYR A 22 10.38 -0.63 10.93
CA TYR A 22 9.51 0.52 11.23
C TYR A 22 8.16 0.04 11.79
N GLY A 23 8.22 -1.05 12.56
CA GLY A 23 7.05 -1.69 13.18
C GLY A 23 6.37 -2.79 12.37
N VAL A 24 6.74 -2.95 11.09
CA VAL A 24 6.11 -3.92 10.17
C VAL A 24 7.05 -4.98 9.58
N TYR A 25 6.58 -6.24 9.50
CA TYR A 25 7.29 -7.35 8.84
C TYR A 25 7.38 -6.99 7.35
N SER A 26 8.64 -6.75 6.90
CA SER A 26 8.90 -6.36 5.53
C SER A 26 10.25 -6.83 5.01
N CYS A 27 10.37 -6.85 3.66
CA CYS A 27 11.60 -7.22 3.00
C CYS A 27 12.60 -6.04 3.06
N GLU A 28 13.81 -6.23 2.52
CA GLU A 28 14.84 -5.19 2.50
C GLU A 28 14.53 -4.13 1.45
N GLY A 29 13.73 -4.51 0.45
CA GLY A 29 13.25 -3.66 -0.62
C GLY A 29 12.26 -2.65 -0.11
N CYS A 30 11.25 -3.11 0.64
CA CYS A 30 10.23 -2.19 1.15
C CYS A 30 10.70 -1.27 2.23
N LYS A 31 11.73 -1.73 2.99
CA LYS A 31 12.40 -0.99 4.03
C LYS A 31 13.19 0.16 3.36
N GLY A 32 14.05 -0.17 2.39
CA GLY A 32 14.88 0.78 1.67
C GLY A 32 14.06 1.86 0.99
N PHE A 33 13.00 1.45 0.29
CA PHE A 33 12.02 2.32 -0.36
C PHE A 33 11.36 3.31 0.66
N PHE A 34 10.84 2.80 1.81
CA PHE A 34 10.21 3.62 2.85
C PHE A 34 11.22 4.57 3.53
N LYS A 35 12.44 4.08 3.79
CA LYS A 35 13.49 4.92 4.34
C LYS A 35 13.75 6.10 3.38
N ARG A 36 13.98 5.83 2.07
CA ARG A 36 14.22 6.83 1.01
C ARG A 36 13.09 7.82 0.77
N THR A 37 11.80 7.38 0.83
CA THR A 37 10.64 8.28 0.67
C THR A 37 10.54 9.34 1.78
N VAL A 38 10.59 8.88 3.04
CA VAL A 38 10.47 9.72 4.23
C VAL A 38 11.62 10.72 4.33
N ARG A 39 12.87 10.27 4.08
CA ARG A 39 14.06 11.11 4.16
C ARG A 39 14.10 12.26 3.18
N LYS A 40 13.61 12.04 1.94
CA LYS A 40 13.64 13.08 0.89
C LYS A 40 12.29 13.76 0.68
N ASP A 41 11.28 13.31 1.46
CA ASP A 41 9.87 13.72 1.43
C ASP A 41 9.32 13.52 0.01
N LEU A 42 9.54 12.32 -0.53
CA LEU A 42 9.10 12.01 -1.90
C LEU A 42 7.58 11.90 -2.05
N THR A 43 7.04 12.54 -3.09
CA THR A 43 5.62 12.56 -3.41
C THR A 43 5.46 11.98 -4.80
N TYR A 44 4.70 10.89 -4.88
CA TYR A 44 4.49 10.11 -6.07
C TYR A 44 3.10 10.29 -6.65
N THR A 45 2.95 9.88 -7.91
CA THR A 45 1.69 9.94 -8.63
C THR A 45 1.45 8.59 -9.25
N CYS A 46 0.27 8.02 -8.99
CA CYS A 46 -0.19 6.78 -9.58
C CYS A 46 -0.70 7.16 -10.95
N ARG A 47 -0.27 6.42 -11.99
CA ARG A 47 -0.70 6.68 -13.36
CA ARG A 47 -0.66 6.61 -13.39
C ARG A 47 -1.97 5.89 -13.65
N ASP A 48 -2.39 5.02 -12.71
CA ASP A 48 -3.59 4.23 -12.82
C ASP A 48 -4.73 4.78 -11.91
N ASN A 49 -5.31 3.96 -11.02
CA ASN A 49 -6.47 4.28 -10.20
C ASN A 49 -6.24 4.14 -8.68
N LYS A 50 -5.00 4.30 -8.22
CA LYS A 50 -4.60 4.20 -6.81
C LYS A 50 -5.06 2.89 -6.17
N ASP A 51 -5.04 1.80 -6.95
CA ASP A 51 -5.41 0.45 -6.54
C ASP A 51 -4.50 -0.58 -7.25
N CYS A 52 -3.24 -0.17 -7.53
CA CYS A 52 -2.26 -1.02 -8.19
C CYS A 52 -1.90 -2.19 -7.30
N LEU A 53 -1.67 -3.36 -7.90
CA LEU A 53 -1.30 -4.58 -7.19
C LEU A 53 0.15 -4.47 -6.75
N ILE A 54 0.38 -4.62 -5.44
CA ILE A 54 1.72 -4.59 -4.86
C ILE A 54 2.11 -6.01 -4.48
N ASP A 55 3.04 -6.59 -5.24
CA ASP A 55 3.58 -7.94 -5.05
C ASP A 55 5.05 -7.96 -5.43
N LYS A 56 5.77 -9.07 -5.20
CA LYS A 56 7.21 -9.17 -5.44
C LYS A 56 7.69 -8.73 -6.84
N ARG A 57 6.97 -9.15 -7.88
CA ARG A 57 7.33 -8.83 -9.26
CA ARG A 57 7.29 -8.84 -9.27
C ARG A 57 6.90 -7.41 -9.66
N GLN A 58 5.75 -6.92 -9.15
CA GLN A 58 5.18 -5.62 -9.49
C GLN A 58 5.48 -4.41 -8.60
N ARG A 59 6.03 -4.61 -7.40
CA ARG A 59 6.33 -3.56 -6.41
C ARG A 59 6.95 -2.25 -6.94
N ASN A 60 7.76 -2.31 -8.03
CA ASN A 60 8.42 -1.13 -8.58
C ASN A 60 7.66 -0.45 -9.72
N ARG A 61 6.43 -0.86 -10.02
CA ARG A 61 5.65 -0.28 -11.13
C ARG A 61 4.97 1.03 -10.77
N CYS A 62 4.59 1.17 -9.49
CA CYS A 62 3.92 2.36 -8.98
C CYS A 62 4.47 2.63 -7.61
N GLN A 63 5.22 3.74 -7.46
CA GLN A 63 5.80 4.11 -6.18
C GLN A 63 4.73 4.63 -5.22
N TYR A 64 3.63 5.19 -5.77
CA TYR A 64 2.51 5.72 -5.02
C TYR A 64 1.80 4.64 -4.23
N CYS A 65 1.37 3.56 -4.93
CA CYS A 65 0.69 2.43 -4.34
C CYS A 65 1.57 1.59 -3.44
N ARG A 66 2.90 1.55 -3.67
CA ARG A 66 3.84 0.85 -2.76
C ARG A 66 3.95 1.64 -1.46
N TYR A 67 4.04 2.98 -1.55
CA TYR A 67 4.11 3.86 -0.38
C TYR A 67 2.82 3.87 0.45
N GLN A 68 1.64 3.98 -0.22
CA GLN A 68 0.33 3.96 0.45
C GLN A 68 0.08 2.62 1.10
N LYS A 69 0.60 1.51 0.49
CA LYS A 69 0.45 0.19 1.12
C LYS A 69 1.36 0.09 2.39
N CYS A 70 2.62 0.64 2.33
CA CYS A 70 3.55 0.68 3.46
C CYS A 70 2.80 1.28 4.65
N LEU A 71 2.13 2.45 4.46
CA LEU A 71 1.36 3.19 5.47
C LEU A 71 0.19 2.40 5.99
N ALA A 72 -0.59 1.82 5.05
CA ALA A 72 -1.77 1.00 5.33
C ALA A 72 -1.42 -0.21 6.21
N MET A 73 -0.21 -0.81 6.01
CA MET A 73 0.26 -1.93 6.83
C MET A 73 0.83 -1.48 8.20
N GLY A 74 1.04 -0.18 8.37
CA GLY A 74 1.44 0.40 9.65
C GLY A 74 2.87 0.82 9.85
N MET A 75 3.63 0.98 8.75
CA MET A 75 5.01 1.45 8.80
C MET A 75 4.93 2.91 9.25
N LYS A 76 5.68 3.26 10.29
CA LYS A 76 5.70 4.59 10.92
C LYS A 76 6.81 5.49 10.36
N ARG A 77 6.43 6.62 9.71
CA ARG A 77 7.33 7.65 9.17
C ARG A 77 8.21 8.20 10.30
N GLU A 78 7.60 8.35 11.49
CA GLU A 78 8.18 8.82 12.75
C GLU A 78 9.37 7.92 13.23
N ALA A 79 9.45 6.67 12.74
CA ALA A 79 10.48 5.69 13.13
C ALA A 79 11.80 5.85 12.37
N VAL A 80 11.73 6.35 11.13
CA VAL A 80 12.89 6.59 10.28
C VAL A 80 13.70 7.78 10.85
N GLN A 81 15.01 7.58 11.07
CA GLN A 81 15.89 8.66 11.53
C GLN A 81 16.61 9.40 10.41
N GLU A 82 17.24 10.54 10.74
CA GLU A 82 17.98 11.37 9.77
C GLU A 82 19.24 10.65 9.22
N GLU A 83 19.57 10.89 7.94
CA GLU A 83 20.74 10.33 7.27
C GLU A 83 22.00 10.93 7.88
N HIS B 8 -0.46 3.61 33.01
CA HIS B 8 -0.69 2.32 32.34
C HIS B 8 -1.07 2.41 30.86
N ILE B 9 -0.44 1.56 30.05
CA ILE B 9 -0.75 1.42 28.62
C ILE B 9 -1.41 0.05 28.33
N CYS B 10 -2.22 -0.03 27.26
CA CYS B 10 -2.84 -1.28 26.85
C CYS B 10 -1.72 -2.22 26.29
N ALA B 11 -1.57 -3.39 26.95
CA ALA B 11 -0.57 -4.41 26.58
C ALA B 11 -0.87 -5.04 25.20
N ILE B 12 -2.07 -4.83 24.66
CA ILE B 12 -2.45 -5.36 23.34
C ILE B 12 -2.13 -4.31 22.26
N CYS B 13 -2.55 -3.06 22.46
CA CYS B 13 -2.38 -2.08 21.39
C CYS B 13 -1.55 -0.85 21.68
N GLY B 14 -1.15 -0.62 22.93
CA GLY B 14 -0.34 0.55 23.24
C GLY B 14 -1.13 1.84 23.43
N ASP B 15 -2.46 1.75 23.39
CA ASP B 15 -3.34 2.88 23.66
C ASP B 15 -3.37 3.11 25.22
N ARG B 16 -4.06 4.17 25.69
CA ARG B 16 -4.24 4.46 27.12
C ARG B 16 -5.13 3.33 27.68
N SER B 17 -4.69 2.74 28.82
CA SER B 17 -5.39 1.67 29.50
C SER B 17 -6.37 2.22 30.53
N SER B 18 -7.56 1.61 30.60
CA SER B 18 -8.59 2.03 31.56
C SER B 18 -8.54 1.21 32.87
N GLY B 19 -7.55 0.31 32.96
CA GLY B 19 -7.34 -0.59 34.08
C GLY B 19 -7.22 -2.03 33.64
N LYS B 20 -7.30 -2.94 34.59
CA LYS B 20 -7.22 -4.37 34.32
C LYS B 20 -8.53 -4.90 33.76
N HIS B 21 -8.44 -5.67 32.67
CA HIS B 21 -9.61 -6.28 32.07
C HIS B 21 -9.29 -7.72 31.72
N TYR B 22 -10.01 -8.67 32.35
CA TYR B 22 -9.86 -10.12 32.18
C TYR B 22 -8.42 -10.64 32.42
N GLY B 23 -7.71 -10.01 33.36
CA GLY B 23 -6.34 -10.33 33.74
C GLY B 23 -5.26 -9.44 33.16
N VAL B 24 -5.60 -8.66 32.11
CA VAL B 24 -4.64 -7.80 31.38
C VAL B 24 -4.96 -6.30 31.46
N TYR B 25 -3.92 -5.45 31.43
CA TYR B 25 -4.12 -4.00 31.33
C TYR B 25 -4.47 -3.69 29.87
N SER B 26 -5.69 -3.20 29.65
CA SER B 26 -6.14 -2.91 28.31
C SER B 26 -6.97 -1.64 28.18
N CYS B 27 -7.21 -1.23 26.93
CA CYS B 27 -8.02 -0.07 26.61
C CYS B 27 -9.50 -0.52 26.56
N GLU B 28 -10.44 0.42 26.51
CA GLU B 28 -11.86 0.07 26.37
C GLU B 28 -12.16 -0.71 25.08
N GLY B 29 -11.34 -0.48 24.06
CA GLY B 29 -11.45 -1.14 22.77
C GLY B 29 -11.14 -2.63 22.83
N CYS B 30 -10.03 -3.01 23.47
CA CYS B 30 -9.65 -4.41 23.58
C CYS B 30 -10.53 -5.21 24.58
N LYS B 31 -11.10 -4.51 25.57
CA LYS B 31 -12.06 -5.04 26.53
C LYS B 31 -13.32 -5.44 25.71
N GLY B 32 -13.97 -4.45 25.10
CA GLY B 32 -15.13 -4.58 24.23
C GLY B 32 -14.93 -5.65 23.18
N PHE B 33 -13.83 -5.55 22.40
CA PHE B 33 -13.51 -6.54 21.35
C PHE B 33 -13.36 -8.00 21.90
N PHE B 34 -12.71 -8.18 23.06
CA PHE B 34 -12.54 -9.50 23.66
C PHE B 34 -13.85 -10.03 24.22
N LYS B 35 -14.62 -9.15 24.93
CA LYS B 35 -15.93 -9.46 25.45
C LYS B 35 -16.79 -10.01 24.33
N ARG B 36 -16.99 -9.21 23.26
CA ARG B 36 -17.82 -9.59 22.11
C ARG B 36 -17.35 -10.90 21.45
N THR B 37 -16.02 -11.04 21.13
CA THR B 37 -15.47 -12.26 20.52
C THR B 37 -15.88 -13.54 21.30
N VAL B 38 -15.71 -13.51 22.65
CA VAL B 38 -16.04 -14.63 23.54
C VAL B 38 -17.57 -14.89 23.59
N ARG B 39 -18.39 -13.85 23.84
CA ARG B 39 -19.85 -13.95 23.96
C ARG B 39 -20.47 -14.61 22.75
N LYS B 40 -20.22 -14.06 21.55
CA LYS B 40 -20.76 -14.61 20.32
C LYS B 40 -19.94 -15.82 19.80
N ASP B 41 -18.84 -16.21 20.50
CA ASP B 41 -17.95 -17.33 20.21
C ASP B 41 -17.47 -17.23 18.75
N LEU B 42 -16.96 -16.02 18.40
CA LEU B 42 -16.51 -15.67 17.06
C LEU B 42 -15.17 -16.25 16.65
N THR B 43 -15.10 -16.66 15.39
CA THR B 43 -13.89 -17.19 14.79
C THR B 43 -13.52 -16.32 13.63
N TYR B 44 -12.26 -15.89 13.62
CA TYR B 44 -11.75 -15.03 12.57
C TYR B 44 -10.66 -15.75 11.78
N THR B 45 -10.39 -15.22 10.60
CA THR B 45 -9.37 -15.72 9.68
C THR B 45 -8.53 -14.52 9.26
N CYS B 46 -7.20 -14.62 9.38
CA CYS B 46 -6.32 -13.54 9.00
C CYS B 46 -6.38 -13.32 7.48
N ARG B 47 -6.46 -12.04 7.07
CA ARG B 47 -6.48 -11.64 5.66
C ARG B 47 -5.10 -11.75 5.05
N ASP B 48 -4.05 -11.55 5.87
CA ASP B 48 -2.67 -11.64 5.41
C ASP B 48 -1.91 -12.93 5.86
N ASN B 49 -0.95 -12.87 6.84
CA ASN B 49 -0.15 -14.05 7.24
C ASN B 49 -0.03 -14.36 8.73
N LYS B 50 -1.08 -14.05 9.51
CA LYS B 50 -1.16 -14.28 10.95
C LYS B 50 -0.12 -13.48 11.77
N ASP B 51 0.43 -12.40 11.17
CA ASP B 51 1.41 -11.55 11.84
C ASP B 51 1.20 -10.05 11.58
N CYS B 52 -0.07 -9.62 11.60
CA CYS B 52 -0.47 -8.24 11.42
C CYS B 52 -0.05 -7.40 12.62
N LEU B 53 0.53 -6.19 12.38
CA LEU B 53 0.88 -5.28 13.47
C LEU B 53 -0.40 -4.81 14.17
N ILE B 54 -0.44 -4.97 15.50
CA ILE B 54 -1.55 -4.51 16.34
C ILE B 54 -1.04 -3.35 17.20
N ASP B 55 -1.60 -2.17 16.94
CA ASP B 55 -1.35 -0.92 17.66
C ASP B 55 -2.65 -0.12 17.56
N LYS B 56 -2.72 1.08 18.18
CA LYS B 56 -3.91 1.95 18.17
C LYS B 56 -4.49 2.15 16.73
N ARG B 57 -3.68 2.65 15.77
CA ARG B 57 -4.20 2.89 14.43
C ARG B 57 -4.55 1.64 13.60
N GLN B 58 -3.90 0.51 13.89
CA GLN B 58 -4.05 -0.74 13.12
C GLN B 58 -4.91 -1.84 13.74
N ARG B 59 -5.34 -1.68 15.01
CA ARG B 59 -6.07 -2.70 15.77
C ARG B 59 -7.28 -3.31 15.09
N ASN B 60 -8.04 -2.48 14.36
CA ASN B 60 -9.25 -2.90 13.65
C ASN B 60 -9.03 -3.49 12.26
N ARG B 61 -7.78 -3.53 11.78
CA ARG B 61 -7.45 -4.06 10.43
C ARG B 61 -7.59 -5.58 10.33
N CYS B 62 -7.25 -6.32 11.40
CA CYS B 62 -7.38 -7.78 11.45
C CYS B 62 -7.88 -8.25 12.82
N GLN B 63 -9.08 -8.84 12.87
CA GLN B 63 -9.68 -9.34 14.10
C GLN B 63 -8.99 -10.61 14.62
N TYR B 64 -8.48 -11.45 13.71
CA TYR B 64 -7.77 -12.68 14.07
C TYR B 64 -6.52 -12.34 14.85
N CYS B 65 -5.67 -11.42 14.32
CA CYS B 65 -4.42 -11.06 14.99
C CYS B 65 -4.62 -10.30 16.28
N ARG B 66 -5.73 -9.55 16.41
CA ARG B 66 -6.07 -8.81 17.63
C ARG B 66 -6.44 -9.81 18.73
N TYR B 67 -7.39 -10.74 18.42
CA TYR B 67 -7.85 -11.80 19.35
C TYR B 67 -6.68 -12.68 19.85
N GLN B 68 -5.70 -12.96 18.96
CA GLN B 68 -4.48 -13.74 19.25
C GLN B 68 -3.54 -12.93 20.13
N LYS B 69 -3.47 -11.61 19.91
CA LYS B 69 -2.69 -10.75 20.80
C LYS B 69 -3.38 -10.64 22.16
N CYS B 70 -4.74 -10.70 22.20
CA CYS B 70 -5.52 -10.70 23.44
C CYS B 70 -5.17 -11.95 24.31
N LEU B 71 -5.10 -13.15 23.67
CA LEU B 71 -4.73 -14.42 24.35
C LEU B 71 -3.24 -14.46 24.73
N ALA B 72 -2.33 -14.06 23.80
CA ALA B 72 -0.88 -14.01 24.07
C ALA B 72 -0.55 -13.02 25.20
N MET B 73 -1.32 -11.92 25.32
CA MET B 73 -1.05 -10.98 26.40
C MET B 73 -1.62 -11.43 27.74
N GLY B 74 -2.31 -12.57 27.71
CA GLY B 74 -2.86 -13.20 28.89
C GLY B 74 -4.35 -13.13 29.14
N MET B 75 -5.14 -12.48 28.24
CA MET B 75 -6.61 -12.42 28.44
C MET B 75 -7.19 -13.83 28.53
N LYS B 76 -8.03 -14.04 29.55
CA LYS B 76 -8.65 -15.33 29.84
C LYS B 76 -10.12 -15.32 29.43
N ARG B 77 -10.54 -16.29 28.58
CA ARG B 77 -11.91 -16.43 28.07
C ARG B 77 -12.93 -16.60 29.20
N GLU B 78 -12.62 -17.47 30.15
CA GLU B 78 -13.43 -17.82 31.33
C GLU B 78 -13.85 -16.63 32.23
N ALA B 79 -13.17 -15.47 32.07
CA ALA B 79 -13.46 -14.26 32.85
C ALA B 79 -14.74 -13.56 32.32
N VAL B 80 -14.95 -13.58 30.97
CA VAL B 80 -16.12 -12.99 30.28
C VAL B 80 -17.39 -13.77 30.61
N GLN B 81 -18.48 -13.05 30.92
CA GLN B 81 -19.80 -13.62 31.24
C GLN B 81 -20.35 -14.40 30.04
N GLU B 82 -20.95 -15.59 30.27
CA GLU B 82 -21.59 -16.42 29.23
C GLU B 82 -23.05 -15.96 29.04
N GLU B 83 -24.01 -16.93 28.89
CA GLU B 83 -25.48 -16.72 28.70
C GLU B 83 -26.23 -18.04 28.67
N GLY C 1 -49.80 26.12 21.37
CA GLY C 1 -48.60 25.57 20.76
C GLY C 1 -48.75 24.17 20.17
N SER C 2 -47.60 23.54 19.86
CA SER C 2 -47.49 22.18 19.28
C SER C 2 -46.12 21.56 19.60
N HIS C 3 -46.06 20.22 19.69
CA HIS C 3 -44.84 19.46 20.00
C HIS C 3 -43.82 19.43 18.86
N MET C 4 -42.51 19.56 19.23
CA MET C 4 -41.38 19.58 18.28
C MET C 4 -40.48 18.33 18.40
N PHE C 5 -40.40 17.55 17.30
CA PHE C 5 -39.51 16.40 17.19
C PHE C 5 -38.24 16.90 16.47
N THR C 6 -37.07 16.70 17.09
CA THR C 6 -35.78 17.17 16.59
C THR C 6 -35.37 16.57 15.24
N LYS C 7 -35.07 17.48 14.31
CA LYS C 7 -34.58 17.22 12.96
C LYS C 7 -33.22 17.94 12.85
N HIS C 8 -32.21 17.28 12.29
CA HIS C 8 -30.92 17.90 12.02
C HIS C 8 -30.74 17.96 10.49
N ILE C 9 -30.14 19.02 10.02
CA ILE C 9 -29.84 19.07 8.59
C ILE C 9 -28.33 18.99 8.36
N CYS C 10 -27.95 18.58 7.15
CA CYS C 10 -26.57 18.47 6.70
C CYS C 10 -26.00 19.87 6.67
N ALA C 11 -24.82 20.08 7.27
CA ALA C 11 -24.21 21.40 7.25
C ALA C 11 -23.50 21.62 5.91
N ILE C 12 -23.30 20.56 5.12
CA ILE C 12 -22.70 20.66 3.78
C ILE C 12 -23.78 20.97 2.72
N CYS C 13 -24.90 20.23 2.74
CA CYS C 13 -25.91 20.35 1.70
C CYS C 13 -27.39 20.69 2.11
N GLY C 14 -27.68 20.82 3.41
CA GLY C 14 -29.03 21.15 3.85
C GLY C 14 -30.02 19.98 3.84
N ASP C 15 -29.58 18.78 3.38
CA ASP C 15 -30.39 17.57 3.36
C ASP C 15 -30.54 17.11 4.80
N ARG C 16 -31.48 16.18 5.08
CA ARG C 16 -31.67 15.65 6.43
C ARG C 16 -30.42 14.88 6.90
N SER C 17 -29.94 15.21 8.11
CA SER C 17 -28.75 14.60 8.70
C SER C 17 -29.05 13.37 9.50
N SER C 18 -28.24 12.31 9.27
CA SER C 18 -28.26 11.02 9.95
C SER C 18 -27.41 11.05 11.24
N GLY C 19 -26.88 12.23 11.58
CA GLY C 19 -26.08 12.46 12.78
C GLY C 19 -24.81 13.21 12.48
N LYS C 20 -23.85 13.21 13.41
CA LYS C 20 -22.59 13.90 13.10
C LYS C 20 -21.67 12.91 12.42
N HIS C 21 -21.01 13.34 11.35
CA HIS C 21 -20.04 12.47 10.69
C HIS C 21 -18.74 13.26 10.49
N TYR C 22 -17.63 12.70 11.00
CA TYR C 22 -16.30 13.32 10.90
C TYR C 22 -16.21 14.74 11.53
N GLY C 23 -17.04 14.99 12.55
CA GLY C 23 -17.07 16.23 13.32
C GLY C 23 -18.19 17.22 13.04
N VAL C 24 -19.10 16.91 12.09
CA VAL C 24 -20.14 17.82 11.59
C VAL C 24 -21.46 17.09 11.30
N TYR C 25 -22.63 17.75 11.55
CA TYR C 25 -23.95 17.19 11.19
C TYR C 25 -24.02 17.06 9.67
N SER C 26 -24.12 15.83 9.18
CA SER C 26 -24.21 15.58 7.74
C SER C 26 -25.10 14.41 7.43
N CYS C 27 -25.48 14.31 6.17
CA CYS C 27 -26.32 13.30 5.54
C CYS C 27 -25.45 12.08 5.24
N GLU C 28 -26.04 10.96 4.76
CA GLU C 28 -25.26 9.77 4.43
C GLU C 28 -24.40 9.96 3.18
N GLY C 29 -24.84 10.83 2.29
CA GLY C 29 -24.13 11.20 1.06
C GLY C 29 -22.80 11.87 1.35
N CYS C 30 -22.85 13.00 2.06
CA CYS C 30 -21.66 13.78 2.38
C CYS C 30 -20.65 13.02 3.25
N LYS C 31 -21.15 12.10 4.05
CA LYS C 31 -20.35 11.21 4.89
C LYS C 31 -19.57 10.26 3.96
N GLY C 32 -20.30 9.60 3.05
CA GLY C 32 -19.72 8.67 2.08
C GLY C 32 -18.76 9.34 1.13
N PHE C 33 -19.15 10.52 0.61
CA PHE C 33 -18.31 11.29 -0.29
C PHE C 33 -16.97 11.59 0.38
N PHE C 34 -17.03 12.19 1.59
CA PHE C 34 -15.84 12.56 2.37
C PHE C 34 -14.92 11.35 2.65
N LYS C 35 -15.53 10.20 2.97
CA LYS C 35 -14.80 8.97 3.27
C LYS C 35 -13.95 8.56 2.07
N ARG C 36 -14.62 8.32 0.92
CA ARG C 36 -14.05 7.90 -0.36
C ARG C 36 -12.92 8.80 -0.81
N THR C 37 -13.12 10.12 -0.68
CA THR C 37 -12.15 11.16 -1.02
C THR C 37 -10.90 10.98 -0.15
N VAL C 38 -11.08 10.96 1.19
CA VAL C 38 -10.00 10.86 2.18
C VAL C 38 -9.26 9.53 2.07
N ARG C 39 -10.01 8.41 1.92
CA ARG C 39 -9.43 7.07 1.80
C ARG C 39 -8.37 6.96 0.72
N LYS C 40 -8.64 7.50 -0.50
CA LYS C 40 -7.71 7.48 -1.62
C LYS C 40 -7.06 8.84 -1.97
N ASP C 41 -7.11 9.81 -1.04
CA ASP C 41 -6.57 11.17 -1.23
C ASP C 41 -6.94 11.70 -2.63
N LEU C 42 -8.23 11.56 -3.01
CA LEU C 42 -8.68 12.00 -4.34
C LEU C 42 -8.66 13.51 -4.41
N THR C 43 -8.37 14.01 -5.63
CA THR C 43 -8.35 15.43 -5.94
C THR C 43 -9.28 15.64 -7.13
N TYR C 44 -10.05 16.73 -7.09
CA TYR C 44 -11.00 17.04 -8.14
C TYR C 44 -10.71 18.41 -8.71
N THR C 45 -11.38 18.75 -9.82
CA THR C 45 -11.30 20.05 -10.46
C THR C 45 -12.72 20.59 -10.73
N CYS C 46 -12.97 21.84 -10.29
CA CYS C 46 -14.20 22.58 -10.50
C CYS C 46 -14.18 23.00 -11.97
N ARG C 47 -15.25 22.65 -12.73
CA ARG C 47 -15.38 22.99 -14.16
C ARG C 47 -15.76 24.49 -14.28
N ASP C 48 -16.29 25.06 -13.18
CA ASP C 48 -16.69 26.45 -13.14
C ASP C 48 -15.69 27.35 -12.41
N ASN C 49 -16.12 28.08 -11.35
CA ASN C 49 -15.23 29.03 -10.69
C ASN C 49 -14.97 28.90 -9.17
N LYS C 50 -15.03 27.65 -8.64
CA LYS C 50 -14.79 27.29 -7.22
C LYS C 50 -15.82 27.86 -6.22
N ASP C 51 -17.00 28.29 -6.74
CA ASP C 51 -18.08 28.91 -5.97
C ASP C 51 -19.46 28.24 -6.25
N CYS C 52 -19.48 26.98 -6.80
CA CYS C 52 -20.69 26.20 -7.10
C CYS C 52 -21.56 25.99 -5.87
N LEU C 53 -22.89 26.23 -5.99
CA LEU C 53 -23.87 25.99 -4.94
C LEU C 53 -23.90 24.49 -4.61
N ILE C 54 -23.75 24.16 -3.32
CA ILE C 54 -23.77 22.79 -2.82
C ILE C 54 -25.03 22.60 -1.98
N ASP C 55 -26.04 21.94 -2.57
CA ASP C 55 -27.29 21.53 -1.95
C ASP C 55 -27.68 20.13 -2.46
N LYS C 56 -28.70 19.49 -1.87
CA LYS C 56 -29.23 18.17 -2.21
C LYS C 56 -29.32 17.91 -3.71
N ARG C 57 -29.89 18.88 -4.44
CA ARG C 57 -30.09 18.81 -5.88
C ARG C 57 -28.83 19.12 -6.68
N GLN C 58 -27.85 19.86 -6.10
CA GLN C 58 -26.61 20.23 -6.80
C GLN C 58 -25.32 19.49 -6.40
N ARG C 59 -25.27 18.90 -5.19
CA ARG C 59 -24.09 18.24 -4.59
C ARG C 59 -23.18 17.39 -5.49
N ASN C 60 -23.79 16.59 -6.37
CA ASN C 60 -23.10 15.72 -7.31
C ASN C 60 -22.57 16.43 -8.56
N ARG C 61 -22.99 17.68 -8.79
CA ARG C 61 -22.54 18.47 -9.95
C ARG C 61 -21.09 18.98 -9.89
N CYS C 62 -20.49 19.11 -8.67
CA CYS C 62 -19.10 19.53 -8.51
C CYS C 62 -18.43 18.94 -7.29
N GLN C 63 -17.66 17.85 -7.48
CA GLN C 63 -16.87 17.15 -6.45
C GLN C 63 -15.87 18.08 -5.75
N TYR C 64 -15.23 19.01 -6.49
CA TYR C 64 -14.28 19.95 -5.89
C TYR C 64 -14.96 20.82 -4.81
N CYS C 65 -16.02 21.56 -5.21
CA CYS C 65 -16.79 22.45 -4.35
C CYS C 65 -17.49 21.73 -3.21
N ARG C 66 -17.90 20.47 -3.43
CA ARG C 66 -18.53 19.64 -2.41
C ARG C 66 -17.48 19.33 -1.30
N TYR C 67 -16.26 18.96 -1.72
CA TYR C 67 -15.11 18.66 -0.86
C TYR C 67 -14.61 19.83 -0.07
N GLN C 68 -14.51 21.01 -0.70
CA GLN C 68 -14.06 22.21 0.00
C GLN C 68 -15.12 22.69 1.00
N LYS C 69 -16.41 22.44 0.71
CA LYS C 69 -17.50 22.77 1.64
C LYS C 69 -17.50 21.82 2.87
N CYS C 70 -17.07 20.53 2.70
CA CYS C 70 -16.90 19.56 3.80
C CYS C 70 -15.85 20.09 4.82
N LEU C 71 -14.66 20.48 4.31
CA LEU C 71 -13.53 21.05 5.06
C LEU C 71 -13.88 22.42 5.66
N ALA C 72 -14.43 23.36 4.87
CA ALA C 72 -14.88 24.67 5.36
C ALA C 72 -15.91 24.54 6.51
N MET C 73 -16.74 23.46 6.52
CA MET C 73 -17.73 23.24 7.57
C MET C 73 -17.18 22.51 8.83
N GLY C 74 -15.95 22.01 8.78
CA GLY C 74 -15.33 21.35 9.92
C GLY C 74 -15.23 19.82 9.92
N MET C 75 -15.31 19.19 8.72
CA MET C 75 -15.14 17.74 8.61
C MET C 75 -13.64 17.42 8.76
N LYS C 76 -13.33 16.50 9.70
CA LYS C 76 -11.97 16.12 10.04
C LYS C 76 -11.46 14.89 9.30
N ARG C 77 -10.38 15.08 8.48
CA ARG C 77 -9.67 14.05 7.72
C ARG C 77 -9.12 12.96 8.69
N GLU C 78 -8.60 13.37 9.87
CA GLU C 78 -8.10 12.44 10.89
C GLU C 78 -9.18 11.54 11.54
N ALA C 79 -10.50 11.88 11.35
CA ALA C 79 -11.61 11.06 11.86
C ALA C 79 -11.94 9.93 10.86
N VAL C 80 -11.44 10.03 9.62
CA VAL C 80 -11.59 8.95 8.64
C VAL C 80 -10.49 7.97 9.04
N GLN C 81 -10.88 6.71 9.29
CA GLN C 81 -9.96 5.64 9.72
C GLN C 81 -9.53 4.73 8.55
N GLU C 82 -8.61 3.80 8.85
CA GLU C 82 -8.09 2.78 7.93
C GLU C 82 -9.21 1.79 7.57
N GLU C 83 -8.99 1.00 6.52
CA GLU C 83 -9.96 0.03 6.03
C GLU C 83 -10.04 -1.19 6.96
N ARG C 84 -11.26 -1.76 7.10
CA ARG C 84 -11.53 -2.93 7.93
C ARG C 84 -11.76 -4.19 7.09
N LYS D 7 38.89 -3.87 -15.11
CA LYS D 7 38.80 -3.77 -16.57
C LYS D 7 38.32 -5.12 -17.19
N HIS D 8 37.09 -5.12 -17.76
CA HIS D 8 36.49 -6.30 -18.38
C HIS D 8 36.00 -5.98 -19.77
N ILE D 9 36.00 -6.99 -20.65
CA ILE D 9 35.43 -6.83 -21.99
C ILE D 9 34.07 -7.58 -22.08
N CYS D 10 33.23 -7.22 -23.09
CA CYS D 10 31.92 -7.86 -23.27
C CYS D 10 32.06 -9.26 -23.83
N ALA D 11 31.46 -10.24 -23.09
CA ALA D 11 31.42 -11.67 -23.42
C ALA D 11 30.72 -11.98 -24.76
N ILE D 12 29.74 -11.17 -25.14
CA ILE D 12 28.95 -11.32 -26.37
C ILE D 12 29.67 -10.73 -27.60
N CYS D 13 30.07 -9.46 -27.57
CA CYS D 13 30.65 -8.78 -28.73
C CYS D 13 32.13 -8.37 -28.64
N GLY D 14 32.72 -8.43 -27.45
CA GLY D 14 34.12 -8.04 -27.29
C GLY D 14 34.35 -6.56 -27.18
N ASP D 15 33.29 -5.76 -26.83
CA ASP D 15 33.38 -4.30 -26.60
C ASP D 15 33.77 -4.09 -25.11
N ARG D 16 34.03 -2.85 -24.66
CA ARG D 16 34.30 -2.69 -23.22
C ARG D 16 33.05 -2.88 -22.35
N SER D 17 33.26 -3.53 -21.19
CA SER D 17 32.19 -3.80 -20.26
C SER D 17 32.01 -2.74 -19.19
N SER D 18 30.75 -2.52 -18.78
CA SER D 18 30.38 -1.58 -17.71
C SER D 18 29.89 -2.41 -16.49
N GLY D 19 30.37 -3.66 -16.43
CA GLY D 19 30.03 -4.61 -15.39
C GLY D 19 29.10 -5.71 -15.88
N LYS D 20 28.72 -6.63 -14.96
CA LYS D 20 27.81 -7.75 -15.28
C LYS D 20 26.40 -7.20 -15.51
N HIS D 21 25.72 -7.75 -16.51
CA HIS D 21 24.33 -7.39 -16.80
C HIS D 21 23.62 -8.68 -17.05
N TYR D 22 22.53 -8.90 -16.32
CA TYR D 22 21.76 -10.15 -16.37
C TYR D 22 22.66 -11.38 -16.20
N GLY D 23 23.64 -11.22 -15.29
CA GLY D 23 24.59 -12.23 -14.83
C GLY D 23 25.91 -12.34 -15.58
N VAL D 24 26.00 -11.68 -16.74
CA VAL D 24 27.16 -11.78 -17.62
C VAL D 24 27.87 -10.46 -17.81
N TYR D 25 29.22 -10.49 -17.90
CA TYR D 25 30.06 -9.33 -18.19
C TYR D 25 29.77 -8.93 -19.63
N SER D 26 29.10 -7.79 -19.80
CA SER D 26 28.64 -7.29 -21.10
C SER D 26 28.76 -5.79 -21.25
N CYS D 27 28.56 -5.30 -22.49
CA CYS D 27 28.60 -3.86 -22.80
C CYS D 27 27.20 -3.25 -22.71
N GLU D 28 27.12 -1.91 -22.65
CA GLU D 28 25.83 -1.20 -22.58
C GLU D 28 24.89 -1.50 -23.78
N GLY D 29 25.48 -1.83 -24.92
CA GLY D 29 24.73 -2.19 -26.13
C GLY D 29 24.00 -3.51 -25.96
N CYS D 30 24.76 -4.59 -25.65
CA CYS D 30 24.19 -5.94 -25.49
C CYS D 30 23.16 -6.01 -24.38
N LYS D 31 23.42 -5.37 -23.24
CA LYS D 31 22.48 -5.24 -22.11
C LYS D 31 21.14 -4.60 -22.60
N GLY D 32 21.24 -3.46 -23.30
CA GLY D 32 20.09 -2.73 -23.83
C GLY D 32 19.30 -3.53 -24.83
N PHE D 33 20.00 -4.31 -25.66
CA PHE D 33 19.45 -5.15 -26.70
C PHE D 33 18.69 -6.35 -26.07
N PHE D 34 19.31 -6.97 -25.07
CA PHE D 34 18.75 -8.07 -24.30
C PHE D 34 17.51 -7.59 -23.56
N LYS D 35 17.57 -6.42 -22.88
CA LYS D 35 16.43 -5.80 -22.19
C LYS D 35 15.21 -5.60 -23.11
N ARG D 36 15.41 -4.93 -24.27
CA ARG D 36 14.38 -4.64 -25.30
C ARG D 36 13.71 -5.85 -25.89
N THR D 37 14.51 -6.90 -26.19
CA THR D 37 14.03 -8.16 -26.76
C THR D 37 13.01 -8.84 -25.83
N VAL D 38 13.35 -8.95 -24.52
CA VAL D 38 12.56 -9.63 -23.48
C VAL D 38 11.31 -8.83 -23.14
N ARG D 39 11.46 -7.50 -22.91
CA ARG D 39 10.36 -6.60 -22.53
C ARG D 39 9.22 -6.62 -23.53
N LYS D 40 9.55 -6.50 -24.84
CA LYS D 40 8.61 -6.47 -25.96
C LYS D 40 8.19 -7.85 -26.42
N ASP D 41 8.91 -8.89 -25.95
CA ASP D 41 8.66 -10.32 -26.26
C ASP D 41 8.99 -10.62 -27.73
N LEU D 42 10.08 -10.00 -28.23
CA LEU D 42 10.61 -10.09 -29.59
C LEU D 42 11.15 -11.46 -29.91
N THR D 43 10.86 -11.92 -31.11
CA THR D 43 11.26 -13.22 -31.65
C THR D 43 11.97 -13.00 -33.00
N TYR D 44 13.32 -13.17 -33.02
CA TYR D 44 14.09 -12.98 -34.25
C TYR D 44 14.24 -14.23 -35.12
N THR D 45 14.67 -14.02 -36.36
CA THR D 45 14.91 -15.07 -37.34
C THR D 45 16.25 -14.83 -38.04
N CYS D 46 17.11 -15.86 -38.03
CA CYS D 46 18.39 -15.82 -38.69
C CYS D 46 18.16 -16.18 -40.14
N ARG D 47 18.60 -15.29 -41.04
CA ARG D 47 18.47 -15.47 -42.48
C ARG D 47 19.55 -16.42 -42.97
N ASP D 48 20.65 -16.53 -42.21
CA ASP D 48 21.77 -17.38 -42.56
C ASP D 48 21.79 -18.78 -41.94
N ASP D 49 22.88 -19.11 -41.22
CA ASP D 49 23.14 -20.44 -40.66
C ASP D 49 23.19 -20.54 -39.13
N LYS D 50 22.69 -19.50 -38.41
CA LYS D 50 22.70 -19.42 -36.93
C LYS D 50 24.12 -19.40 -36.36
N ASP D 51 25.12 -19.09 -37.21
CA ASP D 51 26.54 -19.05 -36.85
C ASP D 51 27.14 -17.62 -37.00
N CYS D 52 26.29 -16.63 -37.35
CA CYS D 52 26.68 -15.23 -37.61
C CYS D 52 27.71 -14.67 -36.62
N LEU D 53 28.74 -13.95 -37.14
CA LEU D 53 29.83 -13.38 -36.31
C LEU D 53 29.29 -12.22 -35.48
N ILE D 54 29.47 -12.30 -34.14
CA ILE D 54 29.01 -11.27 -33.23
C ILE D 54 30.19 -10.65 -32.53
N ASP D 55 30.69 -9.55 -33.12
CA ASP D 55 31.80 -8.73 -32.65
C ASP D 55 31.32 -7.28 -32.68
N LYS D 56 32.05 -6.36 -32.01
CA LYS D 56 31.70 -4.94 -31.91
C LYS D 56 31.04 -4.33 -33.14
N ARG D 57 31.70 -4.43 -34.32
CA ARG D 57 31.23 -3.84 -35.60
C ARG D 57 30.03 -4.50 -36.26
N GLN D 58 29.92 -5.83 -36.18
CA GLN D 58 28.88 -6.58 -36.87
C GLN D 58 27.67 -7.03 -36.06
N ARG D 59 27.71 -6.83 -34.70
CA ARG D 59 26.69 -7.26 -33.72
C ARG D 59 25.22 -6.90 -34.05
N ASN D 60 25.03 -5.79 -34.76
CA ASN D 60 23.74 -5.25 -35.22
C ASN D 60 23.28 -5.85 -36.54
N ARG D 61 24.10 -6.71 -37.16
CA ARG D 61 23.73 -7.33 -38.45
C ARG D 61 22.71 -8.46 -38.31
N CYS D 62 22.84 -9.30 -37.25
CA CYS D 62 21.92 -10.40 -36.99
C CYS D 62 21.35 -10.37 -35.56
N GLN D 63 20.07 -10.01 -35.46
CA GLN D 63 19.37 -9.94 -34.20
C GLN D 63 19.19 -11.33 -33.55
N TYR D 64 18.94 -12.38 -34.38
CA TYR D 64 18.83 -13.77 -33.90
C TYR D 64 20.15 -14.18 -33.21
N CYS D 65 21.26 -14.05 -33.93
CA CYS D 65 22.58 -14.43 -33.40
C CYS D 65 23.13 -13.63 -32.22
N ARG D 66 22.71 -12.36 -32.07
CA ARG D 66 23.13 -11.56 -30.93
C ARG D 66 22.37 -12.05 -29.69
N TYR D 67 21.05 -12.30 -29.82
CA TYR D 67 20.21 -12.83 -28.74
C TYR D 67 20.59 -14.28 -28.38
N GLN D 68 20.93 -15.09 -29.41
CA GLN D 68 21.43 -16.47 -29.27
C GLN D 68 22.76 -16.43 -28.51
N LYS D 69 23.67 -15.50 -28.85
CA LYS D 69 24.94 -15.38 -28.12
C LYS D 69 24.75 -14.96 -26.64
N CYS D 70 23.85 -13.99 -26.34
CA CYS D 70 23.51 -13.52 -24.99
C CYS D 70 23.16 -14.68 -24.09
N LEU D 71 22.16 -15.51 -24.50
CA LEU D 71 21.73 -16.70 -23.76
C LEU D 71 22.84 -17.75 -23.62
N ALA D 72 23.64 -17.95 -24.70
CA ALA D 72 24.74 -18.92 -24.71
C ALA D 72 25.83 -18.52 -23.71
N MET D 73 26.00 -17.21 -23.52
CA MET D 73 26.95 -16.66 -22.56
C MET D 73 26.41 -16.74 -21.14
N GLY D 74 25.09 -16.88 -21.01
CA GLY D 74 24.43 -17.03 -19.73
C GLY D 74 23.51 -15.92 -19.29
N MET D 75 23.13 -14.99 -20.19
CA MET D 75 22.19 -13.93 -19.77
C MET D 75 20.84 -14.59 -19.47
N LYS D 76 20.17 -14.14 -18.40
CA LYS D 76 18.91 -14.70 -17.90
C LYS D 76 17.70 -13.84 -18.17
N ARG D 77 16.67 -14.40 -18.86
CA ARG D 77 15.40 -13.70 -19.17
C ARG D 77 14.74 -13.18 -17.90
N GLU D 78 14.72 -13.99 -16.84
CA GLU D 78 14.10 -13.68 -15.56
C GLU D 78 14.85 -12.60 -14.76
N ALA D 79 16.02 -12.15 -15.25
CA ALA D 79 16.80 -11.10 -14.62
C ALA D 79 16.37 -9.75 -15.19
N VAL D 80 15.66 -9.77 -16.34
CA VAL D 80 15.04 -8.60 -16.93
C VAL D 80 13.74 -8.44 -16.13
N GLN D 81 13.59 -7.27 -15.47
CA GLN D 81 12.46 -6.96 -14.60
C GLN D 81 11.27 -6.31 -15.33
N GLU D 82 10.22 -5.98 -14.57
CA GLU D 82 9.04 -5.27 -15.10
C GLU D 82 9.39 -3.77 -15.31
N GLU D 83 8.63 -3.04 -16.17
CA GLU D 83 8.79 -1.60 -16.47
C GLU D 83 8.52 -0.73 -15.24
N ARG D 84 9.27 0.40 -15.09
CA ARG D 84 9.05 1.30 -13.96
C ARG D 84 8.35 2.59 -14.33
#